data_6W4Z
#
_entry.id   6W4Z
#
_cell.length_a   110.391
_cell.length_b   40.003
_cell.length_c   70.324
_cell.angle_alpha   90.000
_cell.angle_beta   98.222
_cell.angle_gamma   90.000
#
_symmetry.space_group_name_H-M   'C 1 2 1'
#
loop_
_entity.id
_entity.type
_entity.pdbx_description
1 polymer Galectin-8
2 non-polymer 'methyl 3-O-[3-(benzyloxy)-3-oxopropanoyl]-beta-D-galactopyranoside'
3 non-polymer 'CHLORIDE ION'
4 non-polymer 1,2-ETHANEDIOL
5 non-polymer 'TETRAETHYLENE GLYCOL'
6 water water
#
_entity_poly.entity_id   1
_entity_poly.type   'polypeptide(L)'
_entity_poly.pdbx_seq_one_letter_code
;MLSLNNLQNIIYNPVIPFVGTIPDQLDPGTLIVIRGHVPSDADRFQVDLQNGSSVKPRADVAFHFNPRFKRAGCIVCNTL
INEKWGREEITYDTPFKREKSFEIVIMVLKDKFQVAVNGKHTLLYGHRIGPEKIDTLGIYGKVNIHSIGFSFS
;
_entity_poly.pdbx_strand_id   A,B
#
# COMPACT_ATOMS: atom_id res chain seq x y z
N LEU A 2 -16.45 29.57 1.51
CA LEU A 2 -17.24 28.86 0.45
C LEU A 2 -17.08 29.60 -0.88
N SER A 3 -16.29 29.07 -1.80
CA SER A 3 -16.00 29.69 -3.11
C SER A 3 -17.30 29.77 -3.93
N LEU A 4 -17.47 30.85 -4.71
CA LEU A 4 -18.64 31.02 -5.60
C LEU A 4 -18.64 29.94 -6.69
N ASN A 5 -17.47 29.70 -7.25
CA ASN A 5 -17.25 28.60 -8.19
C ASN A 5 -17.09 27.33 -7.35
N ASN A 6 -18.11 26.49 -7.32
CA ASN A 6 -18.17 25.35 -6.37
C ASN A 6 -17.06 24.35 -6.69
N LEU A 7 -16.52 24.34 -7.91
CA LEU A 7 -15.37 23.46 -8.25
C LEU A 7 -14.16 23.85 -7.42
N GLN A 8 -14.11 25.10 -6.94
CA GLN A 8 -12.94 25.59 -6.16
C GLN A 8 -13.03 25.11 -4.70
N ASN A 9 -14.13 24.46 -4.30
CA ASN A 9 -14.28 23.96 -2.91
C ASN A 9 -13.79 22.51 -2.84
N ILE A 10 -13.41 21.97 -3.98
CA ILE A 10 -12.90 20.56 -4.02
C ILE A 10 -11.51 20.57 -3.40
N ILE A 11 -11.26 19.60 -2.53
CA ILE A 11 -9.94 19.37 -1.87
C ILE A 11 -9.23 18.25 -2.63
N TYR A 12 -8.04 18.46 -3.19
CA TYR A 12 -7.32 17.40 -3.93
C TYR A 12 -6.21 16.80 -3.09
N ASN A 13 -6.02 15.48 -3.23
CA ASN A 13 -4.89 14.67 -2.70
C ASN A 13 -4.49 15.08 -1.29
N PRO A 14 -5.43 15.09 -0.32
CA PRO A 14 -5.12 15.51 1.04
C PRO A 14 -4.17 14.48 1.67
N VAL A 15 -3.30 14.94 2.55
CA VAL A 15 -2.48 13.97 3.31
C VAL A 15 -3.38 13.27 4.36
N ILE A 16 -3.23 11.97 4.49
CA ILE A 16 -3.97 11.19 5.53
C ILE A 16 -3.00 10.94 6.67
N PRO A 17 -3.32 11.22 7.96
CA PRO A 17 -4.66 11.65 8.41
C PRO A 17 -5.04 13.08 8.06
N PHE A 18 -6.29 13.28 7.65
CA PHE A 18 -6.83 14.56 7.18
C PHE A 18 -7.84 15.06 8.19
N VAL A 19 -7.75 16.35 8.49
CA VAL A 19 -8.76 17.11 9.24
C VAL A 19 -8.96 18.43 8.51
N GLY A 20 -10.20 18.77 8.20
CA GLY A 20 -10.54 20.02 7.50
C GLY A 20 -11.86 20.60 7.93
N THR A 21 -11.95 21.92 7.95
CA THR A 21 -13.21 22.64 8.22
C THR A 21 -14.14 22.50 7.02
N ILE A 22 -15.39 22.13 7.23
CA ILE A 22 -16.38 22.03 6.14
C ILE A 22 -16.79 23.47 5.81
N PRO A 23 -16.85 23.82 4.51
CA PRO A 23 -17.01 25.23 4.14
C PRO A 23 -18.43 25.84 4.31
N ASP A 24 -19.46 25.05 4.61
CA ASP A 24 -20.78 25.59 4.98
C ASP A 24 -21.52 24.52 5.77
N GLN A 25 -22.68 24.88 6.32
CA GLN A 25 -23.45 24.01 7.26
C GLN A 25 -24.08 22.87 6.44
N LEU A 26 -24.19 21.67 7.05
CA LEU A 26 -24.75 20.47 6.37
C LEU A 26 -26.27 20.47 6.50
N ASP A 27 -26.91 21.25 5.66
CA ASP A 27 -28.38 21.36 5.60
C ASP A 27 -28.89 20.16 4.80
N PRO A 28 -30.16 19.77 4.97
CA PRO A 28 -30.76 18.73 4.14
C PRO A 28 -30.56 18.98 2.64
N GLY A 29 -30.15 17.95 1.92
CA GLY A 29 -29.82 17.99 0.48
C GLY A 29 -28.33 18.15 0.22
N THR A 30 -27.50 18.43 1.23
CA THR A 30 -26.04 18.59 1.06
C THR A 30 -25.41 17.23 0.69
N LEU A 31 -24.50 17.22 -0.29
CA LEU A 31 -23.68 16.03 -0.63
C LEU A 31 -22.23 16.29 -0.23
N ILE A 32 -21.61 15.24 0.28
CA ILE A 32 -20.14 15.17 0.49
C ILE A 32 -19.67 14.00 -0.37
N VAL A 33 -18.71 14.25 -1.27
CA VAL A 33 -18.25 13.26 -2.27
C VAL A 33 -16.78 12.98 -1.98
N ILE A 34 -16.44 11.71 -1.70
CA ILE A 34 -15.04 11.34 -1.36
C ILE A 34 -14.60 10.27 -2.33
N ARG A 35 -13.61 10.59 -3.14
CA ARG A 35 -13.01 9.64 -4.08
C ARG A 35 -11.65 9.18 -3.58
N GLY A 36 -11.42 7.88 -3.62
CA GLY A 36 -10.12 7.37 -3.15
C GLY A 36 -9.90 5.93 -3.56
N HIS A 37 -8.97 5.31 -2.88
CA HIS A 37 -8.43 3.98 -3.23
C HIS A 37 -7.96 3.32 -1.94
N VAL A 38 -8.30 2.05 -1.73
CA VAL A 38 -7.87 1.29 -0.52
C VAL A 38 -6.51 0.68 -0.87
N PRO A 39 -5.46 1.08 -0.15
CA PRO A 39 -4.10 0.63 -0.50
C PRO A 39 -3.94 -0.84 -0.08
N SER A 40 -2.89 -1.49 -0.61
CA SER A 40 -2.60 -2.91 -0.24
C SER A 40 -2.48 -3.02 1.27
N ASP A 41 -2.98 -4.11 1.83
CA ASP A 41 -2.84 -4.47 3.26
C ASP A 41 -3.57 -3.50 4.19
N ALA A 42 -4.51 -2.68 3.71
CA ALA A 42 -5.34 -1.82 4.60
C ALA A 42 -6.08 -2.70 5.62
N ASP A 43 -6.10 -2.31 6.91
CA ASP A 43 -6.95 -2.98 7.92
C ASP A 43 -8.34 -2.28 8.00
N ARG A 44 -8.32 -0.97 7.92
CA ARG A 44 -9.55 -0.15 8.11
C ARG A 44 -9.25 1.30 7.79
N PHE A 45 -10.28 2.10 7.50
CA PHE A 45 -10.17 3.57 7.40
C PHE A 45 -11.50 4.11 7.88
N GLN A 46 -11.55 5.40 8.09
CA GLN A 46 -12.84 5.96 8.55
C GLN A 46 -12.98 7.39 8.07
N VAL A 47 -14.23 7.77 7.86
CA VAL A 47 -14.70 9.15 7.61
C VAL A 47 -15.53 9.56 8.82
N ASP A 48 -15.09 10.63 9.48
CA ASP A 48 -15.74 11.16 10.70
C ASP A 48 -16.30 12.54 10.41
N LEU A 49 -17.58 12.79 10.67
CA LEU A 49 -18.19 14.13 10.62
C LEU A 49 -18.25 14.61 12.07
N GLN A 50 -17.41 15.59 12.38
CA GLN A 50 -17.08 15.97 13.77
C GLN A 50 -17.64 17.35 14.16
N ASN A 51 -17.80 17.56 15.47
CA ASN A 51 -18.09 18.87 16.09
C ASN A 51 -16.75 19.39 16.62
N GLY A 52 -15.96 20.04 15.77
CA GLY A 52 -14.63 20.59 16.13
C GLY A 52 -13.50 19.62 15.85
N SER A 53 -12.28 20.04 16.19
CA SER A 53 -11.02 19.36 15.82
C SER A 53 -10.19 19.03 17.07
N SER A 54 -10.76 19.19 18.26
CA SER A 54 -10.01 18.89 19.50
C SER A 54 -9.51 17.44 19.41
N VAL A 55 -8.25 17.21 19.74
CA VAL A 55 -7.61 15.87 19.71
C VAL A 55 -7.69 15.25 21.12
N LYS A 56 -7.43 16.02 22.15
CA LYS A 56 -7.52 15.55 23.56
C LYS A 56 -8.12 16.69 24.37
N PRO A 57 -9.37 16.61 24.88
CA PRO A 57 -10.24 15.45 24.67
C PRO A 57 -10.69 15.40 23.22
N ARG A 58 -11.05 14.20 22.77
CA ARG A 58 -11.46 13.98 21.38
C ARG A 58 -12.80 14.69 21.09
N ALA A 59 -12.87 15.41 19.98
CA ALA A 59 -14.08 16.03 19.42
C ALA A 59 -15.17 14.97 19.26
N ASP A 60 -16.39 15.36 19.57
CA ASP A 60 -17.58 14.54 19.30
C ASP A 60 -17.63 14.21 17.79
N VAL A 61 -18.10 12.99 17.51
CA VAL A 61 -18.23 12.50 16.12
C VAL A 61 -19.72 12.21 15.95
N ALA A 62 -20.41 13.00 15.16
CA ALA A 62 -21.82 12.81 14.84
C ALA A 62 -21.96 11.55 13.99
N PHE A 63 -21.04 11.33 13.04
CA PHE A 63 -21.14 10.18 12.12
C PHE A 63 -19.76 9.67 11.83
N HIS A 64 -19.51 8.46 12.32
CA HIS A 64 -18.28 7.66 12.12
C HIS A 64 -18.62 6.61 11.09
N PHE A 65 -17.93 6.60 9.96
CA PHE A 65 -18.22 5.66 8.85
C PHE A 65 -16.93 4.89 8.62
N ASN A 66 -16.92 3.62 9.01
CA ASN A 66 -15.64 2.91 9.23
C ASN A 66 -15.63 1.57 8.51
N PRO A 67 -15.21 1.55 7.22
CA PRO A 67 -14.92 0.28 6.53
C PRO A 67 -13.77 -0.49 7.20
N ARG A 68 -13.95 -1.80 7.39
CA ARG A 68 -12.94 -2.74 7.98
C ARG A 68 -12.76 -3.90 7.01
N PHE A 69 -11.52 -4.35 6.81
CA PHE A 69 -11.13 -5.28 5.71
C PHE A 69 -10.85 -6.69 6.23
N LYS A 70 -10.87 -6.94 7.53
CA LYS A 70 -10.71 -8.30 8.12
C LYS A 70 -11.78 -9.29 7.57
N ARG A 71 -11.37 -10.52 7.31
CA ARG A 71 -12.28 -11.65 6.93
C ARG A 71 -13.13 -11.23 5.72
N ALA A 72 -14.47 -11.28 5.81
CA ALA A 72 -15.39 -10.93 4.70
C ALA A 72 -15.52 -9.40 4.59
N GLY A 73 -15.13 -8.67 5.64
CA GLY A 73 -15.20 -7.20 5.65
C GLY A 73 -16.56 -6.71 6.18
N CYS A 74 -16.59 -5.47 6.63
CA CYS A 74 -17.85 -4.82 7.08
C CYS A 74 -17.68 -3.30 7.03
N ILE A 75 -18.77 -2.61 7.31
CA ILE A 75 -18.71 -1.17 7.66
C ILE A 75 -19.35 -0.99 9.02
N VAL A 76 -18.63 -0.32 9.90
CA VAL A 76 -19.10 0.01 11.27
C VAL A 76 -19.48 1.49 11.26
N CYS A 77 -20.69 1.80 11.67
CA CYS A 77 -21.07 3.23 11.84
C CYS A 77 -21.39 3.49 13.30
N ASN A 78 -21.02 4.67 13.80
CA ASN A 78 -21.31 4.95 15.23
C ASN A 78 -21.27 6.46 15.48
N THR A 79 -21.46 6.85 16.72
CA THR A 79 -21.41 8.25 17.17
C THR A 79 -20.60 8.28 18.47
N LEU A 80 -19.74 9.28 18.60
CA LEU A 80 -18.88 9.55 19.79
C LEU A 80 -19.35 10.81 20.47
N ILE A 81 -19.69 10.68 21.76
CA ILE A 81 -20.13 11.79 22.62
C ILE A 81 -19.32 11.73 23.91
N ASN A 82 -18.72 12.85 24.27
CA ASN A 82 -17.87 12.95 25.49
C ASN A 82 -16.92 11.75 25.58
N GLU A 83 -16.21 11.45 24.47
CA GLU A 83 -15.15 10.43 24.39
C GLU A 83 -15.68 9.01 24.60
N LYS A 84 -17.00 8.73 24.51
CA LYS A 84 -17.52 7.35 24.62
C LYS A 84 -18.33 7.02 23.35
N TRP A 85 -18.02 5.88 22.78
CA TRP A 85 -18.77 5.40 21.60
C TRP A 85 -20.16 4.93 22.03
N GLY A 86 -21.14 5.10 21.14
CA GLY A 86 -22.50 4.55 21.35
C GLY A 86 -22.62 3.14 20.82
N ARG A 87 -23.85 2.74 20.51
N ARG A 87 -23.84 2.76 20.46
CA ARG A 87 -24.13 1.40 19.94
CA ARG A 87 -24.15 1.42 19.92
C ARG A 87 -23.78 1.39 18.44
C ARG A 87 -23.80 1.38 18.42
N GLU A 88 -22.92 0.45 18.01
CA GLU A 88 -22.45 0.32 16.61
C GLU A 88 -23.60 -0.14 15.75
N GLU A 89 -23.72 0.39 14.55
CA GLU A 89 -24.56 -0.18 13.49
C GLU A 89 -23.66 -0.82 12.44
N ILE A 90 -23.74 -2.13 12.23
CA ILE A 90 -22.77 -2.79 11.34
C ILE A 90 -23.46 -3.24 10.06
N THR A 91 -22.86 -2.92 8.91
CA THR A 91 -23.35 -3.27 7.56
C THR A 91 -22.37 -4.34 7.06
N TYR A 92 -22.83 -5.57 6.84
CA TYR A 92 -21.94 -6.65 6.30
C TYR A 92 -21.88 -6.66 4.77
N ASP A 93 -22.84 -6.02 4.09
CA ASP A 93 -22.87 -5.94 2.61
C ASP A 93 -21.99 -4.76 2.18
N THR A 94 -20.66 -4.95 2.15
CA THR A 94 -19.71 -3.83 1.96
C THR A 94 -19.16 -3.89 0.54
N PRO A 95 -19.09 -2.75 -0.15
CA PRO A 95 -18.51 -2.67 -1.49
C PRO A 95 -16.99 -2.39 -1.50
N PHE A 96 -16.39 -2.18 -0.34
CA PHE A 96 -14.97 -1.82 -0.23
C PHE A 96 -14.09 -3.08 -0.26
N LYS A 97 -12.97 -2.96 -0.97
CA LYS A 97 -11.95 -4.04 -1.10
C LYS A 97 -10.56 -3.39 -1.17
N ARG A 98 -9.56 -4.06 -0.60
CA ARG A 98 -8.13 -3.68 -0.79
C ARG A 98 -7.83 -3.61 -2.29
N GLU A 99 -7.13 -2.55 -2.71
CA GLU A 99 -6.64 -2.31 -4.09
C GLU A 99 -7.79 -2.06 -5.08
N LYS A 100 -8.92 -1.58 -4.55
CA LYS A 100 -10.01 -1.08 -5.42
C LYS A 100 -10.28 0.40 -5.06
N SER A 101 -10.61 1.15 -6.09
CA SER A 101 -11.07 2.56 -6.09
C SER A 101 -12.52 2.62 -5.63
N PHE A 102 -12.88 3.73 -5.00
CA PHE A 102 -14.29 3.96 -4.63
C PHE A 102 -14.64 5.44 -4.84
N GLU A 103 -15.94 5.65 -4.95
CA GLU A 103 -16.56 6.99 -4.82
C GLU A 103 -17.68 6.87 -3.78
N ILE A 104 -17.49 7.52 -2.63
CA ILE A 104 -18.49 7.67 -1.56
C ILE A 104 -19.29 8.97 -1.75
N VAL A 105 -20.60 8.85 -1.76
CA VAL A 105 -21.47 10.04 -1.69
C VAL A 105 -22.27 9.96 -0.39
N ILE A 106 -22.08 10.92 0.49
CA ILE A 106 -22.87 11.04 1.73
C ILE A 106 -23.92 12.11 1.45
N MET A 107 -25.19 11.72 1.46
CA MET A 107 -26.31 12.68 1.31
C MET A 107 -26.87 12.98 2.71
N VAL A 108 -26.88 14.25 3.10
CA VAL A 108 -27.48 14.68 4.39
C VAL A 108 -28.97 14.89 4.17
N LEU A 109 -29.78 14.10 4.83
CA LEU A 109 -31.24 14.27 4.79
C LEU A 109 -31.68 14.84 6.13
N LYS A 110 -32.97 15.16 6.26
CA LYS A 110 -33.44 15.81 7.50
CA LYS A 110 -33.49 15.79 7.49
C LYS A 110 -33.27 14.85 8.68
N ASP A 111 -33.49 13.55 8.43
N ASP A 111 -33.48 13.54 8.54
CA ASP A 111 -33.65 12.49 9.48
CA ASP A 111 -33.47 12.63 9.72
C ASP A 111 -32.40 11.60 9.58
C ASP A 111 -32.34 11.59 9.64
N LYS A 112 -31.55 11.56 8.56
CA LYS A 112 -30.49 10.53 8.43
C LYS A 112 -29.46 10.98 7.41
N PHE A 113 -28.35 10.26 7.42
CA PHE A 113 -27.39 10.22 6.31
C PHE A 113 -27.71 9.02 5.41
N GLN A 114 -27.63 9.25 4.12
CA GLN A 114 -27.85 8.23 3.09
C GLN A 114 -26.53 8.11 2.35
N VAL A 115 -25.89 6.96 2.40
CA VAL A 115 -24.54 6.75 1.81
C VAL A 115 -24.65 5.81 0.62
N ALA A 116 -24.08 6.22 -0.50
CA ALA A 116 -23.95 5.40 -1.72
C ALA A 116 -22.48 5.27 -2.07
N VAL A 117 -22.06 4.11 -2.50
CA VAL A 117 -20.66 3.84 -2.94
C VAL A 117 -20.74 3.32 -4.36
N ASN A 118 -20.04 3.98 -5.27
CA ASN A 118 -19.95 3.59 -6.69
C ASN A 118 -21.36 3.59 -7.30
N GLY A 119 -22.23 4.52 -6.89
CA GLY A 119 -23.58 4.74 -7.47
C GLY A 119 -24.64 3.79 -6.94
N LYS A 120 -24.32 2.96 -5.96
CA LYS A 120 -25.24 1.96 -5.37
C LYS A 120 -25.49 2.32 -3.91
N HIS A 121 -26.73 2.16 -3.45
CA HIS A 121 -27.04 2.41 -2.03
C HIS A 121 -26.19 1.50 -1.18
N THR A 122 -25.59 2.05 -0.12
CA THR A 122 -24.81 1.25 0.82
C THR A 122 -25.51 1.17 2.18
N LEU A 123 -25.80 2.31 2.80
CA LEU A 123 -26.42 2.28 4.15
C LEU A 123 -27.09 3.61 4.48
N LEU A 124 -27.92 3.55 5.51
CA LEU A 124 -28.56 4.74 6.14
C LEU A 124 -28.01 4.84 7.55
N TYR A 125 -27.84 6.05 8.07
CA TYR A 125 -27.50 6.25 9.49
C TYR A 125 -28.35 7.39 10.04
N GLY A 126 -29.25 7.09 10.97
CA GLY A 126 -30.08 8.13 11.57
C GLY A 126 -29.28 9.12 12.42
N HIS A 127 -29.64 10.39 12.33
CA HIS A 127 -28.96 11.42 13.14
C HIS A 127 -29.11 11.11 14.62
N ARG A 128 -28.00 11.18 15.36
CA ARG A 128 -28.04 11.04 16.84
C ARG A 128 -27.73 12.41 17.48
N ILE A 129 -26.83 13.16 16.85
CA ILE A 129 -26.43 14.58 17.14
CA ILE A 129 -26.49 14.58 17.16
C ILE A 129 -27.07 15.46 16.05
N GLY A 130 -27.51 16.68 16.38
CA GLY A 130 -28.00 17.59 15.32
C GLY A 130 -26.90 17.80 14.24
N PRO A 131 -27.19 17.64 12.93
CA PRO A 131 -26.15 17.78 11.92
C PRO A 131 -25.70 19.23 11.74
N GLU A 132 -26.46 20.17 12.30
CA GLU A 132 -26.08 21.60 12.29
C GLU A 132 -24.89 21.82 13.23
N LYS A 133 -24.52 20.87 14.09
CA LYS A 133 -23.28 20.99 14.92
C LYS A 133 -22.03 20.52 14.18
N ILE A 134 -22.16 19.90 13.01
CA ILE A 134 -20.96 19.34 12.31
C ILE A 134 -20.26 20.50 11.60
N ASP A 135 -18.96 20.69 11.82
CA ASP A 135 -18.18 21.71 11.10
C ASP A 135 -16.88 21.13 10.56
N THR A 136 -16.58 19.83 10.83
CA THR A 136 -15.21 19.28 10.59
C THR A 136 -15.30 17.88 9.97
N LEU A 137 -14.47 17.64 8.96
CA LEU A 137 -14.36 16.32 8.31
C LEU A 137 -13.00 15.77 8.66
N GLY A 138 -12.99 14.52 9.12
CA GLY A 138 -11.80 13.74 9.46
C GLY A 138 -11.73 12.50 8.63
N ILE A 139 -10.57 12.24 8.01
CA ILE A 139 -10.32 10.95 7.32
C ILE A 139 -9.06 10.36 7.95
N TYR A 140 -9.18 9.14 8.46
CA TYR A 140 -8.11 8.47 9.24
C TYR A 140 -7.94 7.04 8.77
N GLY A 141 -6.75 6.49 9.04
CA GLY A 141 -6.48 5.07 8.78
C GLY A 141 -5.79 4.85 7.46
N LYS A 142 -6.05 3.71 6.85
CA LYS A 142 -5.26 3.24 5.68
C LYS A 142 -6.10 3.44 4.45
N VAL A 143 -5.96 4.59 3.82
CA VAL A 143 -6.70 4.94 2.60
C VAL A 143 -5.92 6.03 1.88
N ASN A 144 -6.06 6.08 0.58
CA ASN A 144 -5.55 7.18 -0.27
C ASN A 144 -6.76 7.95 -0.81
N ILE A 145 -6.81 9.24 -0.57
CA ILE A 145 -7.95 10.10 -1.02
C ILE A 145 -7.51 10.96 -2.21
N HIS A 146 -8.21 10.80 -3.32
CA HIS A 146 -7.95 11.62 -4.52
C HIS A 146 -8.58 13.00 -4.34
N SER A 147 -9.82 13.04 -3.86
CA SER A 147 -10.54 14.33 -3.82
C SER A 147 -11.72 14.26 -2.85
N ILE A 148 -12.08 15.44 -2.34
CA ILE A 148 -13.23 15.68 -1.44
C ILE A 148 -14.01 16.84 -2.05
N GLY A 149 -15.27 16.64 -2.32
CA GLY A 149 -16.11 17.69 -2.91
C GLY A 149 -17.36 17.85 -2.08
N PHE A 150 -18.01 18.98 -2.24
CA PHE A 150 -19.24 19.35 -1.52
C PHE A 150 -20.24 19.91 -2.53
N SER A 151 -21.48 19.50 -2.37
CA SER A 151 -22.62 20.05 -3.13
C SER A 151 -23.61 20.57 -2.10
N PHE A 152 -23.71 21.89 -1.91
CA PHE A 152 -24.62 22.52 -0.91
C PHE A 152 -25.87 23.04 -1.59
N SER A 153 -27.06 22.84 -1.00
CA SER A 153 -28.38 23.29 -1.53
C SER A 153 -28.57 24.80 -1.29
N MET B 1 15.73 -42.86 -8.03
CA MET B 1 16.38 -41.49 -8.14
C MET B 1 16.44 -40.81 -6.76
N LEU B 2 17.66 -40.53 -6.30
CA LEU B 2 17.90 -39.62 -5.17
C LEU B 2 17.20 -38.28 -5.48
N SER B 3 16.57 -37.63 -4.49
CA SER B 3 16.23 -36.19 -4.58
C SER B 3 17.44 -35.39 -5.07
N LEU B 4 17.23 -34.36 -5.89
CA LEU B 4 18.32 -33.58 -6.53
C LEU B 4 18.38 -32.16 -5.95
N ASN B 5 17.24 -31.64 -5.46
CA ASN B 5 17.13 -30.22 -5.00
C ASN B 5 16.60 -30.22 -3.57
N ASN B 6 17.29 -29.49 -2.67
CA ASN B 6 16.83 -29.17 -1.29
C ASN B 6 16.33 -27.72 -1.22
N LEU B 7 15.05 -27.51 -1.47
CA LEU B 7 14.42 -26.18 -1.37
C LEU B 7 14.33 -25.81 0.11
N GLN B 8 14.82 -24.63 0.45
CA GLN B 8 14.95 -24.15 1.85
C GLN B 8 14.33 -22.75 1.87
N ASN B 9 13.15 -22.61 2.45
CA ASN B 9 12.55 -21.29 2.77
C ASN B 9 13.28 -20.71 4.00
N ILE B 10 13.91 -19.55 3.91
CA ILE B 10 14.66 -19.05 5.10
C ILE B 10 13.82 -18.11 5.95
N ILE B 11 12.85 -17.39 5.40
CA ILE B 11 12.06 -16.43 6.19
C ILE B 11 10.72 -16.20 5.46
N TYR B 12 9.66 -16.01 6.24
CA TYR B 12 8.39 -15.43 5.80
C TYR B 12 8.27 -14.01 6.33
N ASN B 13 7.63 -13.11 5.57
CA ASN B 13 7.30 -11.73 5.96
C ASN B 13 8.47 -11.08 6.70
N PRO B 14 9.66 -11.02 6.09
CA PRO B 14 10.76 -10.25 6.68
C PRO B 14 10.41 -8.79 6.85
N VAL B 15 10.97 -8.20 7.91
CA VAL B 15 11.01 -6.73 8.03
C VAL B 15 11.97 -6.21 6.92
N ILE B 16 11.52 -5.18 6.20
CA ILE B 16 12.33 -4.48 5.18
C ILE B 16 12.79 -3.16 5.78
N PRO B 17 14.10 -2.83 5.75
CA PRO B 17 15.11 -3.58 5.01
C PRO B 17 15.48 -4.91 5.65
N PHE B 18 15.74 -5.87 4.80
CA PHE B 18 16.14 -7.25 5.12
C PHE B 18 17.58 -7.48 4.69
N VAL B 19 18.41 -8.02 5.58
CA VAL B 19 19.76 -8.52 5.25
C VAL B 19 19.87 -9.89 5.89
N GLY B 20 20.29 -10.87 5.11
CA GLY B 20 20.46 -12.20 5.63
C GLY B 20 21.58 -12.93 4.96
N THR B 21 22.14 -13.90 5.65
CA THR B 21 23.19 -14.81 5.14
C THR B 21 22.53 -15.88 4.27
N ILE B 22 23.08 -16.14 3.09
CA ILE B 22 22.47 -17.14 2.17
C ILE B 22 22.92 -18.50 2.70
N PRO B 23 22.08 -19.54 2.55
CA PRO B 23 22.33 -20.85 3.17
C PRO B 23 23.41 -21.71 2.52
N ASP B 24 23.89 -21.36 1.32
CA ASP B 24 24.88 -22.17 0.58
C ASP B 24 25.54 -21.27 -0.49
N GLN B 25 26.67 -21.70 -1.03
CA GLN B 25 27.40 -20.99 -2.11
C GLN B 25 26.50 -20.98 -3.35
N LEU B 26 26.51 -19.89 -4.12
CA LEU B 26 25.68 -19.74 -5.35
C LEU B 26 26.38 -20.41 -6.52
N ASP B 27 26.39 -21.74 -6.52
CA ASP B 27 27.00 -22.54 -7.61
C ASP B 27 26.03 -22.48 -8.79
N PRO B 28 26.53 -22.69 -10.02
CA PRO B 28 25.68 -22.75 -11.21
C PRO B 28 24.54 -23.74 -11.00
N GLY B 29 23.31 -23.31 -11.28
CA GLY B 29 22.08 -24.09 -11.05
C GLY B 29 21.31 -23.59 -9.85
N THR B 30 21.91 -22.73 -9.00
CA THR B 30 21.21 -22.26 -7.77
C THR B 30 20.04 -21.36 -8.17
N LEU B 31 18.91 -21.52 -7.48
CA LEU B 31 17.70 -20.70 -7.58
C LEU B 31 17.54 -19.88 -6.31
N ILE B 32 17.22 -18.63 -6.50
CA ILE B 32 16.76 -17.74 -5.40
C ILE B 32 15.33 -17.39 -5.77
N VAL B 33 14.38 -17.67 -4.88
CA VAL B 33 12.92 -17.55 -5.11
C VAL B 33 12.38 -16.51 -4.12
N ILE B 34 11.94 -15.34 -4.61
CA ILE B 34 11.42 -14.24 -3.77
C ILE B 34 10.00 -13.95 -4.19
N ARG B 35 9.06 -14.15 -3.26
CA ARG B 35 7.62 -13.88 -3.45
C ARG B 35 7.23 -12.63 -2.71
N GLY B 36 6.46 -11.73 -3.31
CA GLY B 36 6.09 -10.48 -2.64
C GLY B 36 5.06 -9.71 -3.41
N HIS B 37 4.89 -8.45 -3.06
CA HIS B 37 3.87 -7.56 -3.63
C HIS B 37 4.38 -6.15 -3.58
N VAL B 38 4.11 -5.35 -4.61
CA VAL B 38 4.58 -3.94 -4.66
C VAL B 38 3.45 -3.12 -4.05
N PRO B 39 3.69 -2.40 -2.96
CA PRO B 39 2.59 -1.66 -2.33
C PRO B 39 2.19 -0.46 -3.20
N SER B 40 0.95 0.03 -2.98
CA SER B 40 0.40 1.22 -3.68
C SER B 40 1.44 2.33 -3.49
N ASP B 41 1.70 3.25 -4.41
CA ASP B 41 2.72 4.32 -4.09
C ASP B 41 4.21 3.87 -3.85
N ALA B 42 4.63 2.66 -4.19
CA ALA B 42 6.09 2.34 -4.17
C ALA B 42 6.81 3.23 -5.19
N ASP B 43 8.04 3.64 -4.88
CA ASP B 43 8.92 4.37 -5.83
C ASP B 43 9.87 3.35 -6.49
N ARG B 44 10.40 2.47 -5.67
CA ARG B 44 11.44 1.52 -6.12
C ARG B 44 11.70 0.51 -5.01
N PHE B 45 12.29 -0.62 -5.39
CA PHE B 45 12.86 -1.53 -4.38
C PHE B 45 14.08 -2.19 -5.00
N GLN B 46 14.86 -2.94 -4.23
CA GLN B 46 16.03 -3.62 -4.85
C GLN B 46 16.28 -4.91 -4.10
N VAL B 47 16.82 -5.88 -4.80
CA VAL B 47 17.40 -7.15 -4.30
C VAL B 47 18.88 -7.11 -4.62
N ASP B 48 19.72 -7.14 -3.60
CA ASP B 48 21.19 -7.06 -3.76
C ASP B 48 21.82 -8.38 -3.31
N LEU B 49 22.67 -8.93 -4.13
CA LEU B 49 23.50 -10.12 -3.83
C LEU B 49 24.89 -9.55 -3.49
N GLN B 50 25.22 -9.64 -2.21
CA GLN B 50 26.33 -8.89 -1.56
C GLN B 50 27.47 -9.81 -1.12
N ASN B 51 28.69 -9.24 -1.09
CA ASN B 51 29.89 -9.86 -0.48
C ASN B 51 29.95 -9.30 0.93
N GLY B 52 29.30 -9.97 1.86
CA GLY B 52 29.24 -9.52 3.27
C GLY B 52 28.13 -8.53 3.54
N SER B 53 28.05 -8.07 4.78
CA SER B 53 26.95 -7.20 5.25
C SER B 53 27.46 -5.87 5.80
N SER B 54 28.73 -5.48 5.56
CA SER B 54 29.22 -4.20 6.07
C SER B 54 28.27 -3.09 5.59
N VAL B 55 27.91 -2.20 6.47
CA VAL B 55 27.10 -1.02 6.09
C VAL B 55 28.01 0.16 5.74
N LYS B 56 29.03 0.40 6.56
CA LYS B 56 30.00 1.49 6.33
C LYS B 56 31.39 0.97 6.67
N PRO B 57 32.32 0.77 5.70
CA PRO B 57 32.04 0.97 4.28
C PRO B 57 31.02 -0.05 3.74
N ARG B 58 30.32 0.32 2.68
CA ARG B 58 29.27 -0.53 2.09
C ARG B 58 29.87 -1.78 1.45
N ALA B 59 29.32 -2.95 1.77
CA ALA B 59 29.58 -4.26 1.13
C ALA B 59 29.49 -4.14 -0.39
N ASP B 60 30.44 -4.76 -1.07
CA ASP B 60 30.40 -4.89 -2.54
C ASP B 60 29.11 -5.63 -2.91
N VAL B 61 28.50 -5.23 -4.02
CA VAL B 61 27.20 -5.79 -4.51
C VAL B 61 27.48 -6.41 -5.86
N ALA B 62 27.53 -7.74 -5.93
CA ALA B 62 27.81 -8.44 -7.21
C ALA B 62 26.66 -8.19 -8.17
N PHE B 63 25.44 -8.16 -7.65
CA PHE B 63 24.24 -8.02 -8.50
C PHE B 63 23.18 -7.22 -7.76
N HIS B 64 22.90 -6.05 -8.29
CA HIS B 64 21.85 -5.10 -7.83
C HIS B 64 20.74 -5.23 -8.85
N PHE B 65 19.55 -5.59 -8.38
CA PHE B 65 18.35 -5.77 -9.24
C PHE B 65 17.30 -4.80 -8.71
N ASN B 66 17.01 -3.74 -9.46
CA ASN B 66 16.32 -2.55 -8.91
C ASN B 66 15.15 -2.09 -9.77
N PRO B 67 13.94 -2.67 -9.53
CA PRO B 67 12.70 -2.20 -10.14
C PRO B 67 12.39 -0.78 -9.65
N ARG B 68 12.03 0.08 -10.59
CA ARG B 68 11.66 1.49 -10.36
C ARG B 68 10.29 1.71 -11.01
N PHE B 69 9.41 2.46 -10.36
CA PHE B 69 7.97 2.53 -10.77
C PHE B 69 7.58 3.87 -11.43
N LYS B 70 8.40 4.93 -11.32
CA LYS B 70 8.13 6.24 -11.97
C LYS B 70 7.82 6.04 -13.46
N ARG B 71 6.84 6.79 -13.98
CA ARG B 71 6.47 6.87 -15.42
C ARG B 71 6.13 5.47 -15.91
N ALA B 72 6.79 4.99 -16.98
CA ALA B 72 6.50 3.68 -17.59
C ALA B 72 7.22 2.56 -16.80
N GLY B 73 8.09 2.94 -15.87
CA GLY B 73 8.80 1.95 -15.03
C GLY B 73 10.01 1.36 -15.77
N CYS B 74 10.96 0.81 -15.00
CA CYS B 74 12.15 0.13 -15.57
C CYS B 74 12.75 -0.76 -14.48
N ILE B 75 13.68 -1.62 -14.87
CA ILE B 75 14.54 -2.31 -13.87
C ILE B 75 15.97 -1.83 -14.14
N VAL B 76 16.67 -1.42 -13.10
CA VAL B 76 18.10 -1.03 -13.21
C VAL B 76 18.94 -2.14 -12.58
N CYS B 77 19.95 -2.64 -13.29
CA CYS B 77 20.92 -3.64 -12.75
C CYS B 77 22.33 -3.05 -12.79
N ASN B 78 23.11 -3.37 -11.76
CA ASN B 78 24.49 -2.88 -11.68
C ASN B 78 25.30 -3.68 -10.64
N THR B 79 26.57 -3.32 -10.50
CA THR B 79 27.53 -3.88 -9.55
C THR B 79 28.17 -2.70 -8.80
N LEU B 80 28.34 -2.83 -7.48
CA LEU B 80 29.05 -1.86 -6.61
C LEU B 80 30.37 -2.50 -6.17
N ILE B 81 31.50 -1.82 -6.45
CA ILE B 81 32.85 -2.25 -6.02
C ILE B 81 33.50 -1.05 -5.32
N ASN B 82 34.02 -1.26 -4.13
CA ASN B 82 34.70 -0.19 -3.37
C ASN B 82 33.82 1.07 -3.30
N GLU B 83 32.51 0.91 -3.07
CA GLU B 83 31.53 1.97 -2.82
C GLU B 83 31.26 2.80 -4.08
N LYS B 84 31.64 2.32 -5.29
CA LYS B 84 31.35 3.02 -6.55
C LYS B 84 30.53 2.09 -7.47
N TRP B 85 29.45 2.62 -7.98
CA TRP B 85 28.60 1.90 -8.95
C TRP B 85 29.30 1.86 -10.29
N GLY B 86 29.11 0.74 -11.00
CA GLY B 86 29.59 0.57 -12.38
C GLY B 86 28.58 1.12 -13.36
N ARG B 87 28.69 0.65 -14.61
CA ARG B 87 27.75 1.06 -15.69
C ARG B 87 26.43 0.30 -15.56
N GLU B 88 25.31 1.02 -15.44
CA GLU B 88 23.96 0.47 -15.26
C GLU B 88 23.56 -0.24 -16.54
N GLU B 89 22.82 -1.33 -16.39
CA GLU B 89 22.06 -1.97 -17.48
C GLU B 89 20.56 -1.81 -17.22
N ILE B 90 19.86 -1.11 -18.11
CA ILE B 90 18.43 -0.77 -17.87
C ILE B 90 17.51 -1.65 -18.73
N THR B 91 16.55 -2.31 -18.13
CA THR B 91 15.50 -3.11 -18.85
C THR B 91 14.20 -2.28 -18.77
N TYR B 92 13.63 -1.88 -19.91
CA TYR B 92 12.39 -1.05 -19.92
C TYR B 92 11.14 -1.95 -19.97
N ASP B 93 11.29 -3.18 -20.40
CA ASP B 93 10.15 -4.14 -20.48
C ASP B 93 10.01 -4.77 -19.10
N THR B 94 9.39 -4.06 -18.16
CA THR B 94 9.31 -4.46 -16.72
C THR B 94 7.96 -5.10 -16.45
N PRO B 95 7.94 -6.26 -15.76
CA PRO B 95 6.69 -6.90 -15.35
C PRO B 95 6.14 -6.31 -14.05
N PHE B 96 6.89 -5.46 -13.34
CA PHE B 96 6.46 -5.03 -12.00
C PHE B 96 5.47 -3.89 -12.13
N LYS B 97 4.46 -3.92 -11.27
CA LYS B 97 3.47 -2.83 -11.17
C LYS B 97 3.13 -2.60 -9.69
N ARG B 98 2.80 -1.39 -9.33
CA ARG B 98 2.15 -1.10 -8.01
C ARG B 98 0.87 -1.93 -7.88
N GLU B 99 0.69 -2.55 -6.73
CA GLU B 99 -0.49 -3.38 -6.34
C GLU B 99 -0.55 -4.68 -7.11
N LYS B 100 0.60 -5.18 -7.58
CA LYS B 100 0.66 -6.51 -8.23
C LYS B 100 1.74 -7.32 -7.51
N SER B 101 1.45 -8.60 -7.39
CA SER B 101 2.24 -9.63 -6.70
C SER B 101 3.23 -10.19 -7.69
N PHE B 102 4.31 -10.75 -7.18
CA PHE B 102 5.35 -11.38 -8.04
C PHE B 102 5.95 -12.59 -7.36
N GLU B 103 6.47 -13.49 -8.18
CA GLU B 103 7.49 -14.52 -7.87
C GLU B 103 8.70 -14.22 -8.75
N ILE B 104 9.77 -13.74 -8.14
CA ILE B 104 11.11 -13.58 -8.78
C ILE B 104 11.86 -14.88 -8.62
N VAL B 105 12.39 -15.38 -9.71
CA VAL B 105 13.31 -16.53 -9.69
C VAL B 105 14.61 -16.05 -10.30
N ILE B 106 15.64 -15.95 -9.48
CA ILE B 106 17.01 -15.66 -9.98
C ILE B 106 17.72 -17.01 -10.14
N MET B 107 18.14 -17.35 -11.35
CA MET B 107 18.93 -18.56 -11.64
C MET B 107 20.39 -18.15 -11.82
N VAL B 108 21.28 -18.73 -11.04
CA VAL B 108 22.74 -18.48 -11.12
C VAL B 108 23.29 -19.47 -12.14
N LEU B 109 23.74 -18.97 -13.29
CA LEU B 109 24.36 -19.77 -14.37
C LEU B 109 25.86 -19.48 -14.35
N LYS B 110 26.61 -20.27 -15.11
CA LYS B 110 28.09 -20.17 -15.15
C LYS B 110 28.51 -18.75 -15.52
N ASP B 111 27.80 -18.14 -16.46
N ASP B 111 27.88 -18.09 -16.49
CA ASP B 111 28.22 -16.90 -17.16
CA ASP B 111 28.39 -16.77 -16.98
C ASP B 111 27.43 -15.66 -16.67
C ASP B 111 27.44 -15.61 -16.64
N LYS B 112 26.26 -15.87 -16.07
CA LYS B 112 25.30 -14.77 -15.88
C LYS B 112 24.25 -15.18 -14.87
N PHE B 113 23.50 -14.20 -14.38
CA PHE B 113 22.21 -14.42 -13.69
C PHE B 113 21.10 -14.32 -14.75
N GLN B 114 20.15 -15.21 -14.63
CA GLN B 114 18.95 -15.23 -15.51
C GLN B 114 17.75 -15.02 -14.61
N VAL B 115 17.01 -13.95 -14.82
CA VAL B 115 15.88 -13.61 -13.95
C VAL B 115 14.58 -13.83 -14.71
N ALA B 116 13.63 -14.52 -14.05
CA ALA B 116 12.25 -14.64 -14.53
C ALA B 116 11.26 -14.11 -13.47
N VAL B 117 10.18 -13.52 -13.92
CA VAL B 117 9.15 -13.02 -12.99
C VAL B 117 7.81 -13.64 -13.40
N ASN B 118 7.18 -14.33 -12.46
CA ASN B 118 5.87 -15.01 -12.70
C ASN B 118 6.00 -15.95 -13.93
N GLY B 119 7.18 -16.54 -14.13
CA GLY B 119 7.38 -17.59 -15.14
C GLY B 119 7.66 -17.03 -16.51
N LYS B 120 7.86 -15.71 -16.66
CA LYS B 120 8.30 -15.11 -17.93
C LYS B 120 9.72 -14.61 -17.80
N HIS B 121 10.52 -14.81 -18.81
CA HIS B 121 11.89 -14.26 -18.77
C HIS B 121 11.83 -12.76 -18.63
N THR B 122 12.72 -12.22 -17.78
CA THR B 122 12.78 -10.77 -17.52
C THR B 122 14.09 -10.23 -18.04
N LEU B 123 15.21 -10.74 -17.56
CA LEU B 123 16.52 -10.17 -17.98
C LEU B 123 17.67 -11.15 -17.72
N LEU B 124 18.81 -10.84 -18.34
CA LEU B 124 20.14 -11.48 -18.13
C LEU B 124 21.08 -10.42 -17.60
N TYR B 125 21.92 -10.80 -16.68
CA TYR B 125 23.00 -9.93 -16.18
C TYR B 125 24.29 -10.76 -16.05
N GLY B 126 25.29 -10.40 -16.85
CA GLY B 126 26.54 -11.15 -16.85
C GLY B 126 27.31 -10.91 -15.56
N HIS B 127 27.98 -11.95 -15.09
CA HIS B 127 28.87 -11.82 -13.91
C HIS B 127 29.91 -10.76 -14.17
N ARG B 128 30.11 -9.87 -13.19
CA ARG B 128 31.22 -8.89 -13.25
C ARG B 128 32.24 -9.25 -12.17
N ILE B 129 31.77 -9.74 -11.03
CA ILE B 129 32.65 -10.28 -9.97
C ILE B 129 32.19 -11.71 -9.67
N GLY B 130 33.12 -12.50 -9.13
CA GLY B 130 32.88 -13.95 -8.94
C GLY B 130 31.66 -14.23 -8.06
N PRO B 131 30.66 -14.99 -8.54
CA PRO B 131 29.47 -15.29 -7.73
C PRO B 131 29.79 -16.16 -6.50
N GLU B 132 30.95 -16.83 -6.52
CA GLU B 132 31.38 -17.69 -5.39
C GLU B 132 31.66 -16.81 -4.16
N LYS B 133 31.82 -15.50 -4.32
CA LYS B 133 32.13 -14.60 -3.17
C LYS B 133 30.85 -14.11 -2.49
N ILE B 134 29.70 -14.27 -3.11
CA ILE B 134 28.41 -13.75 -2.59
C ILE B 134 28.01 -14.57 -1.38
N ASP B 135 27.64 -13.93 -0.28
CA ASP B 135 27.21 -14.67 0.92
C ASP B 135 26.03 -14.00 1.60
N THR B 136 25.54 -12.85 1.12
CA THR B 136 24.49 -12.05 1.80
C THR B 136 23.46 -11.59 0.78
N LEU B 137 22.19 -11.75 1.12
CA LEU B 137 21.08 -11.17 0.33
C LEU B 137 20.48 -10.02 1.08
N GLY B 138 20.34 -8.88 0.42
CA GLY B 138 19.69 -7.67 0.93
C GLY B 138 18.47 -7.30 0.10
N ILE B 139 17.37 -6.95 0.77
CA ILE B 139 16.17 -6.38 0.13
C ILE B 139 15.88 -5.04 0.79
N TYR B 140 15.76 -4.00 -0.01
CA TYR B 140 15.56 -2.62 0.45
C TYR B 140 14.44 -1.98 -0.34
N GLY B 141 13.88 -0.91 0.23
CA GLY B 141 12.99 0.01 -0.46
C GLY B 141 11.54 -0.36 -0.14
N LYS B 142 10.65 -0.04 -1.05
CA LYS B 142 9.18 -0.05 -0.80
C LYS B 142 8.66 -1.34 -1.45
N VAL B 143 8.67 -2.42 -0.68
CA VAL B 143 8.19 -3.74 -1.15
C VAL B 143 7.76 -4.56 0.05
N ASN B 144 6.83 -5.48 -0.17
N ASN B 144 6.73 -5.36 -0.13
CA ASN B 144 6.30 -6.42 0.85
CA ASN B 144 6.30 -6.39 0.83
C ASN B 144 6.68 -7.83 0.44
C ASN B 144 6.87 -7.70 0.32
N ILE B 145 7.61 -8.42 1.17
CA ILE B 145 8.14 -9.75 0.87
C ILE B 145 7.39 -10.80 1.69
N HIS B 146 6.79 -11.76 0.99
CA HIS B 146 6.09 -12.87 1.60
C HIS B 146 7.07 -13.95 2.00
N SER B 147 8.07 -14.24 1.16
CA SER B 147 8.96 -15.39 1.40
C SER B 147 10.24 -15.27 0.58
N ILE B 148 11.34 -15.69 1.19
CA ILE B 148 12.65 -15.83 0.52
C ILE B 148 13.08 -17.29 0.65
N GLY B 149 13.35 -17.95 -0.47
CA GLY B 149 13.85 -19.33 -0.44
C GLY B 149 14.92 -19.57 -1.47
N PHE B 150 15.57 -20.70 -1.35
CA PHE B 150 16.71 -21.10 -2.18
C PHE B 150 16.47 -22.53 -2.62
N SER B 151 16.85 -22.83 -3.84
CA SER B 151 16.74 -24.19 -4.39
C SER B 151 17.82 -24.44 -5.44
N PHE B 152 17.69 -25.48 -6.24
CA PHE B 152 18.72 -25.88 -7.21
C PHE B 152 17.98 -26.50 -8.39
N SER B 153 18.48 -26.28 -9.61
CA SER B 153 17.92 -26.86 -10.86
C SER B 153 19.00 -27.69 -11.55
#